data_7KJS
#
_entry.id   7KJS
#
_cell.length_a   100.304
_cell.length_b   100.304
_cell.length_c   149.982
_cell.angle_alpha   90
_cell.angle_beta   90
_cell.angle_gamma   90
#
_symmetry.space_group_name_H-M   'P 41 21 2'
#
loop_
_entity.id
_entity.type
_entity.pdbx_description
1 polymer 'Cyclin-dependent kinase 2'
2 polymer 'G1/S-specific cyclin-E1'
3 non-polymer 6-(difluoromethyl)-8-[(1R,2R)-2-hydroxy-2-methylcyclopentyl]-2-{[1-(methylsulfonyl)piperidin-4-yl]amino}pyrido[2,3-d]pyrimidin-7(8H)-one
4 water water
#
loop_
_entity_poly.entity_id
_entity_poly.type
_entity_poly.pdbx_seq_one_letter_code
_entity_poly.pdbx_strand_id
1 'polypeptide(L)'
;MENFQKVEKIGEGTYGVVYKARNKLTGEVVALKKIRLDTETEGVPSTAIREISLLKELNHPNIVKLLDVIHTENKLYLVF
EFLHQDLKKFMDASALTGIPLPLIKSYLFQLLQGLAFCHSHRVLHRDLKPQNLLINTEGAIKLADFGLARAFGVPVRTY
(TPO)HEVVTLWYRAPEILLGCKYYSTAVDIWSLGCIFAEMVTRRALFPGDSEIDQLFRIFRTLGTPDEVVWPGVTSMPD
YKPSFPKWARQDFSKVVPPLDEDGRSLLSQMLHYDPNKRISAKAALAHPFFQDVTKPVPHLRL
;
A
2 'polypeptide(L)'
;ENLYFQGSIIAPSRGSPLPVLSWANREEVWKIMLNKEKTYLRDQHFLEQHPLLQPKMRAILLDWLMEVCEVYKLHRETFY
LAQDFFDRYMATQENVVKTLLQLIGISSLFIAAKLEEIYPPKLHQFAYVTDGACSGDEILTMELMIMKALKWRLSPLTIV
SWLNVYMQVAYLNDLHEVLLPQYPQQIFIQIAELLDLCVLDVDCLEFPYGILAASALYHFSSSELMQKVSGYQWCDIENC
VKWMVPFAMVIRETGSSKLKHFRGVADEDAHNIQTHRDSLDLLDKARAKKA
;
B
#
loop_
_chem_comp.id
_chem_comp.type
_chem_comp.name
_chem_comp.formula
WG1 non-polymer 6-(difluoromethyl)-8-[(1R,2R)-2-hydroxy-2-methylcyclopentyl]-2-{[1-(methylsulfonyl)piperidin-4-yl]amino}pyrido[2,3-d]pyrimidin-7(8H)-one 'C20 H27 F2 N5 O4 S'
#
# COMPACT_ATOMS: atom_id res chain seq x y z
N MET A 1 20.58 -18.60 -13.21
CA MET A 1 19.82 -19.68 -12.57
C MET A 1 20.51 -21.00 -12.83
N GLU A 2 21.39 -21.42 -11.92
CA GLU A 2 22.16 -22.65 -12.09
C GLU A 2 21.36 -23.96 -11.90
N ASN A 3 20.06 -23.88 -11.59
CA ASN A 3 19.28 -25.12 -11.40
C ASN A 3 17.84 -25.06 -11.96
N PHE A 4 17.38 -23.88 -12.39
CA PHE A 4 16.06 -23.76 -12.98
C PHE A 4 16.20 -23.68 -14.49
N GLN A 5 15.63 -24.65 -15.19
CA GLN A 5 15.69 -24.71 -16.64
C GLN A 5 14.43 -24.02 -17.19
N LYS A 6 14.59 -22.91 -17.95
CA LYS A 6 13.46 -22.20 -18.56
C LYS A 6 12.79 -23.13 -19.56
N VAL A 7 11.49 -23.32 -19.41
CA VAL A 7 10.76 -24.25 -20.25
C VAL A 7 9.88 -23.53 -21.27
N GLU A 8 9.36 -22.35 -20.93
CA GLU A 8 8.42 -21.67 -21.83
C GLU A 8 8.14 -20.24 -21.39
N LYS A 9 8.00 -19.30 -22.33
CA LYS A 9 7.64 -17.94 -22.01
C LYS A 9 6.14 -17.92 -21.79
N ILE A 10 5.70 -17.43 -20.63
CA ILE A 10 4.27 -17.38 -20.30
C ILE A 10 3.75 -15.95 -20.11
N GLY A 11 4.60 -14.94 -20.18
CA GLY A 11 4.14 -13.56 -19.96
C GLY A 11 5.13 -12.48 -20.35
N GLU A 12 4.62 -11.26 -20.56
CA GLU A 12 5.48 -10.15 -20.96
C GLU A 12 4.85 -8.82 -20.56
N GLY A 13 5.65 -7.91 -20.01
CA GLY A 13 5.20 -6.58 -19.61
C GLY A 13 6.25 -5.52 -19.87
N THR A 14 6.01 -4.30 -19.36
CA THR A 14 6.96 -3.21 -19.49
C THR A 14 8.30 -3.57 -18.82
N TYR A 15 8.22 -4.16 -17.63
CA TYR A 15 9.40 -4.54 -16.89
C TYR A 15 9.47 -6.05 -16.91
N GLY A 16 10.17 -6.58 -17.89
CA GLY A 16 10.40 -8.00 -18.05
C GLY A 16 9.36 -8.97 -18.57
N VAL A 17 9.84 -10.20 -18.66
CA VAL A 17 9.22 -11.40 -19.20
C VAL A 17 9.05 -12.48 -18.09
N VAL A 18 7.99 -13.28 -18.17
CA VAL A 18 7.73 -14.35 -17.22
C VAL A 18 7.89 -15.71 -17.90
N TYR A 19 8.59 -16.64 -17.26
CA TYR A 19 8.80 -17.97 -17.80
C TYR A 19 8.29 -19.06 -16.90
N LYS A 20 7.87 -20.16 -17.49
CA LYS A 20 7.63 -21.40 -16.74
C LYS A 20 9.05 -22.00 -16.66
N ALA A 21 9.47 -22.48 -15.50
CA ALA A 21 10.81 -23.03 -15.32
C ALA A 21 10.75 -24.28 -14.46
N ARG A 22 11.50 -25.32 -14.81
CA ARG A 22 11.50 -26.57 -14.05
C ARG A 22 12.85 -26.83 -13.42
N ASN A 23 12.87 -27.06 -12.11
CA ASN A 23 14.07 -27.41 -11.35
C ASN A 23 14.57 -28.74 -11.87
N LYS A 24 15.84 -28.79 -12.29
CA LYS A 24 16.40 -30.01 -12.87
C LYS A 24 16.45 -31.20 -11.89
N LEU A 25 16.98 -31.02 -10.68
CA LEU A 25 17.12 -32.14 -9.73
C LEU A 25 15.89 -32.39 -8.85
N THR A 26 14.92 -31.47 -8.85
CA THR A 26 13.74 -31.61 -8.00
C THR A 26 12.49 -31.92 -8.80
N GLY A 27 12.36 -31.27 -9.95
CA GLY A 27 11.15 -31.37 -10.74
C GLY A 27 10.09 -30.37 -10.26
N GLU A 28 10.53 -29.36 -9.51
CA GLU A 28 9.72 -28.30 -8.96
C GLU A 28 9.54 -27.28 -10.09
N VAL A 29 8.30 -27.07 -10.51
CA VAL A 29 8.00 -26.08 -11.55
C VAL A 29 7.63 -24.75 -10.89
N VAL A 30 8.28 -23.65 -11.32
CA VAL A 30 8.03 -22.31 -10.82
C VAL A 30 7.79 -21.32 -11.99
N ALA A 31 7.37 -20.07 -11.65
CA ALA A 31 7.21 -18.98 -12.60
C ALA A 31 8.36 -18.03 -12.31
N LEU A 32 9.20 -17.76 -13.30
CA LEU A 32 10.33 -16.86 -13.14
C LEU A 32 10.00 -15.54 -13.78
N LYS A 33 9.96 -14.46 -13.01
CA LYS A 33 9.77 -13.12 -13.58
C LYS A 33 11.13 -12.44 -13.66
N LYS A 34 11.61 -12.22 -14.89
CA LYS A 34 12.91 -11.60 -15.10
C LYS A 34 12.76 -10.08 -15.33
N ILE A 35 13.53 -9.25 -14.60
CA ILE A 35 13.59 -7.81 -14.77
C ILE A 35 15.03 -7.45 -15.18
N ARG A 36 15.23 -6.92 -16.40
CA ARG A 36 16.57 -6.54 -16.86
C ARG A 36 16.89 -5.17 -16.29
N LEU A 37 17.86 -5.09 -15.39
CA LEU A 37 18.20 -3.83 -14.75
C LEU A 37 19.03 -2.88 -15.65
N ASP A 38 19.88 -3.46 -16.50
CA ASP A 38 20.75 -2.69 -17.40
C ASP A 38 20.01 -1.81 -18.40
N THR A 39 18.71 -2.04 -18.59
CA THR A 39 17.86 -1.26 -19.51
C THR A 39 17.07 -0.13 -18.76
N GLU A 40 17.11 -0.10 -17.41
CA GLU A 40 16.34 0.90 -16.66
C GLU A 40 17.14 2.11 -16.22
N THR A 41 16.71 3.32 -16.60
CA THR A 41 17.40 4.55 -16.17
C THR A 41 17.16 4.87 -14.67
N GLU A 42 16.17 4.23 -14.03
CA GLU A 42 15.83 4.48 -12.63
C GLU A 42 16.10 3.31 -11.69
N GLY A 43 16.96 2.38 -12.09
CA GLY A 43 17.30 1.21 -11.29
C GLY A 43 16.14 0.25 -11.18
N VAL A 44 16.01 -0.46 -10.04
CA VAL A 44 14.92 -1.40 -9.80
C VAL A 44 13.59 -0.64 -9.85
N PRO A 45 12.70 -1.01 -10.76
CA PRO A 45 11.42 -0.27 -10.90
C PRO A 45 10.59 -0.24 -9.63
N SER A 46 9.84 0.84 -9.43
CA SER A 46 8.97 1.00 -8.26
C SER A 46 7.95 -0.12 -8.15
N THR A 47 7.49 -0.63 -9.30
CA THR A 47 6.55 -1.73 -9.34
C THR A 47 7.17 -3.02 -8.84
N ALA A 48 8.47 -3.24 -9.09
CA ALA A 48 9.15 -4.45 -8.66
C ALA A 48 9.43 -4.34 -7.15
N ILE A 49 9.89 -3.16 -6.70
CA ILE A 49 10.12 -2.93 -5.27
C ILE A 49 8.82 -3.09 -4.46
N ARG A 50 7.72 -2.44 -4.87
CA ARG A 50 6.43 -2.60 -4.17
C ARG A 50 5.98 -4.07 -4.18
N GLU A 51 5.97 -4.73 -5.37
CA GLU A 51 5.52 -6.13 -5.45
C GLU A 51 6.29 -7.05 -4.50
N ILE A 52 7.63 -6.95 -4.46
CA ILE A 52 8.47 -7.80 -3.61
C ILE A 52 8.19 -7.61 -2.11
N SER A 53 8.30 -6.36 -1.61
CA SER A 53 8.07 -6.05 -0.20
C SER A 53 6.65 -6.35 0.24
N LEU A 54 5.65 -6.00 -0.59
CA LEU A 54 4.27 -6.29 -0.24
C LEU A 54 4.03 -7.78 -0.19
N LEU A 55 4.63 -8.55 -1.10
CA LEU A 55 4.43 -10.01 -1.12
C LEU A 55 5.18 -10.74 -0.03
N LYS A 56 6.32 -10.19 0.46
CA LYS A 56 7.04 -10.83 1.57
C LYS A 56 6.16 -10.88 2.85
N GLU A 57 5.20 -9.94 2.99
CA GLU A 57 4.31 -9.90 4.15
C GLU A 57 2.90 -10.45 3.86
N LEU A 58 2.67 -11.06 2.69
CA LEU A 58 1.33 -11.57 2.35
C LEU A 58 1.28 -13.07 2.07
N ASN A 59 1.54 -13.90 3.08
CA ASN A 59 1.44 -15.34 2.91
C ASN A 59 0.03 -15.77 3.20
N HIS A 60 -0.62 -16.34 2.20
CA HIS A 60 -2.00 -16.77 2.31
C HIS A 60 -2.25 -17.82 1.24
N PRO A 61 -3.05 -18.85 1.53
CA PRO A 61 -3.30 -19.89 0.51
C PRO A 61 -4.00 -19.39 -0.78
N ASN A 62 -4.55 -18.16 -0.76
CA ASN A 62 -5.22 -17.63 -1.94
C ASN A 62 -4.47 -16.43 -2.58
N ILE A 63 -3.16 -16.35 -2.30
CA ILE A 63 -2.29 -15.34 -2.86
C ILE A 63 -1.06 -16.09 -3.38
N VAL A 64 -0.71 -15.88 -4.66
CA VAL A 64 0.44 -16.51 -5.29
C VAL A 64 1.72 -16.20 -4.50
N LYS A 65 2.47 -17.24 -4.13
CA LYS A 65 3.67 -17.14 -3.32
C LYS A 65 4.90 -16.67 -4.05
N LEU A 66 5.58 -15.69 -3.47
CA LEU A 66 6.86 -15.25 -3.96
C LEU A 66 7.87 -16.16 -3.22
N LEU A 67 8.46 -17.13 -3.91
CA LEU A 67 9.41 -18.07 -3.32
C LEU A 67 10.80 -17.50 -3.08
N ASP A 68 11.31 -16.65 -3.98
CA ASP A 68 12.66 -16.10 -3.83
C ASP A 68 12.90 -14.89 -4.75
N VAL A 69 13.90 -14.07 -4.43
CA VAL A 69 14.35 -12.91 -5.21
C VAL A 69 15.85 -13.10 -5.43
N ILE A 70 16.31 -13.05 -6.69
CA ILE A 70 17.72 -13.27 -7.01
C ILE A 70 18.31 -12.14 -7.83
N HIS A 71 19.42 -11.57 -7.38
CA HIS A 71 20.13 -10.54 -8.14
C HIS A 71 21.30 -11.25 -8.82
N THR A 72 21.37 -11.14 -10.14
CA THR A 72 22.41 -11.79 -10.92
C THR A 72 22.87 -10.85 -12.02
N GLU A 73 24.14 -10.43 -11.98
CA GLU A 73 24.79 -9.57 -12.97
C GLU A 73 23.99 -8.26 -13.24
N ASN A 74 23.14 -8.21 -14.28
CA ASN A 74 22.33 -7.03 -14.57
C ASN A 74 20.83 -7.43 -14.62
N LYS A 75 20.44 -8.39 -13.80
CA LYS A 75 19.08 -8.93 -13.79
C LYS A 75 18.55 -9.16 -12.38
N LEU A 76 17.23 -9.19 -12.26
CA LEU A 76 16.57 -9.47 -11.00
C LEU A 76 15.50 -10.52 -11.32
N TYR A 77 15.59 -11.72 -10.72
CA TYR A 77 14.63 -12.77 -10.97
C TYR A 77 13.71 -12.96 -9.76
N LEU A 78 12.39 -12.88 -9.97
CA LEU A 78 11.44 -13.14 -8.91
C LEU A 78 10.90 -14.53 -9.18
N VAL A 79 10.99 -15.40 -8.18
CA VAL A 79 10.56 -16.79 -8.34
C VAL A 79 9.24 -16.88 -7.65
N PHE A 80 8.22 -17.36 -8.36
CA PHE A 80 6.89 -17.47 -7.81
C PHE A 80 6.44 -18.91 -7.90
N GLU A 81 5.39 -19.28 -7.13
CA GLU A 81 4.80 -20.61 -7.32
C GLU A 81 4.08 -20.61 -8.70
N PHE A 82 4.02 -21.78 -9.35
CA PHE A 82 3.43 -21.88 -10.67
C PHE A 82 2.02 -22.47 -10.61
N LEU A 83 1.11 -21.87 -11.36
CA LEU A 83 -0.26 -22.38 -11.51
C LEU A 83 -0.49 -22.56 -13.02
N HIS A 84 -1.11 -23.67 -13.41
CA HIS A 84 -1.15 -24.04 -14.83
C HIS A 84 -2.08 -23.18 -15.70
N GLN A 85 -2.96 -22.37 -15.10
CA GLN A 85 -3.92 -21.60 -15.88
C GLN A 85 -4.46 -20.37 -15.17
N ASP A 86 -4.95 -19.38 -15.95
CA ASP A 86 -5.63 -18.21 -15.42
C ASP A 86 -7.15 -18.37 -15.61
N LEU A 87 -7.93 -17.57 -14.89
CA LEU A 87 -9.38 -17.62 -14.96
C LEU A 87 -9.93 -17.20 -16.32
N LYS A 88 -9.17 -16.39 -17.10
CA LYS A 88 -9.64 -15.98 -18.43
C LYS A 88 -9.66 -17.17 -19.40
N LYS A 89 -8.59 -17.96 -19.42
CA LYS A 89 -8.51 -19.16 -20.25
C LYS A 89 -9.57 -20.19 -19.84
N PHE A 90 -9.84 -20.32 -18.54
CA PHE A 90 -10.85 -21.22 -18.00
C PHE A 90 -12.28 -20.81 -18.35
N MET A 91 -12.59 -19.51 -18.24
CA MET A 91 -13.92 -19.02 -18.62
C MET A 91 -14.12 -19.19 -20.12
N ASP A 92 -13.08 -18.94 -20.93
CA ASP A 92 -13.15 -19.09 -22.39
C ASP A 92 -13.36 -20.53 -22.79
N ALA A 93 -12.59 -21.47 -22.20
CA ALA A 93 -12.76 -22.90 -22.44
C ALA A 93 -14.15 -23.40 -22.01
N SER A 94 -14.79 -22.76 -21.03
CA SER A 94 -16.11 -23.18 -20.55
C SER A 94 -17.24 -22.28 -21.09
N ALA A 95 -17.00 -21.46 -22.14
CA ALA A 95 -18.03 -20.54 -22.63
C ALA A 95 -19.29 -21.22 -23.17
N LEU A 96 -19.17 -22.41 -23.76
CA LEU A 96 -20.37 -23.10 -24.27
C LEU A 96 -20.98 -24.01 -23.20
N THR A 97 -20.13 -24.63 -22.36
CA THR A 97 -20.53 -25.55 -21.30
C THR A 97 -21.08 -24.85 -20.05
N GLY A 98 -20.43 -23.77 -19.65
CA GLY A 98 -20.73 -23.07 -18.41
C GLY A 98 -19.83 -23.59 -17.30
N ILE A 99 -19.71 -22.82 -16.22
CA ILE A 99 -18.93 -23.26 -15.07
C ILE A 99 -19.98 -23.67 -14.05
N PRO A 100 -19.89 -24.87 -13.47
CA PRO A 100 -20.91 -25.28 -12.49
C PRO A 100 -21.02 -24.28 -11.32
N LEU A 101 -22.25 -23.95 -10.91
CA LEU A 101 -22.49 -23.00 -9.83
C LEU A 101 -21.65 -23.26 -8.55
N PRO A 102 -21.51 -24.52 -8.04
CA PRO A 102 -20.66 -24.74 -6.87
C PRO A 102 -19.19 -24.34 -7.07
N LEU A 103 -18.65 -24.46 -8.29
CA LEU A 103 -17.26 -24.06 -8.54
C LEU A 103 -17.16 -22.51 -8.61
N ILE A 104 -18.20 -21.83 -9.15
CA ILE A 104 -18.27 -20.37 -9.22
C ILE A 104 -18.24 -19.82 -7.79
N LYS A 105 -19.11 -20.39 -6.93
CA LYS A 105 -19.27 -20.04 -5.52
C LYS A 105 -17.98 -20.29 -4.76
N SER A 106 -17.30 -21.38 -5.05
CA SER A 106 -16.05 -21.75 -4.39
C SER A 106 -14.89 -20.81 -4.82
N TYR A 107 -14.80 -20.48 -6.12
CA TYR A 107 -13.77 -19.57 -6.60
C TYR A 107 -14.02 -18.17 -6.00
N LEU A 108 -15.28 -17.72 -5.98
CA LEU A 108 -15.62 -16.43 -5.40
C LEU A 108 -15.28 -16.37 -3.93
N PHE A 109 -15.61 -17.43 -3.20
CA PHE A 109 -15.32 -17.52 -1.76
C PHE A 109 -13.82 -17.39 -1.51
N GLN A 110 -13.00 -18.11 -2.28
CA GLN A 110 -11.55 -18.09 -2.16
C GLN A 110 -10.92 -16.75 -2.53
N LEU A 111 -11.41 -16.12 -3.62
CA LEU A 111 -10.91 -14.81 -4.05
C LEU A 111 -11.23 -13.78 -2.98
N LEU A 112 -12.42 -13.88 -2.36
CA LEU A 112 -12.83 -12.99 -1.27
C LEU A 112 -11.98 -13.20 -0.01
N GLN A 113 -11.51 -14.44 0.26
CA GLN A 113 -10.62 -14.72 1.41
C GLN A 113 -9.22 -14.15 1.15
N GLY A 114 -8.75 -14.26 -0.09
CA GLY A 114 -7.45 -13.70 -0.47
C GLY A 114 -7.53 -12.17 -0.40
N LEU A 115 -8.64 -11.61 -0.88
CA LEU A 115 -8.85 -10.17 -0.86
C LEU A 115 -9.08 -9.62 0.57
N ALA A 116 -9.85 -10.29 1.41
CA ALA A 116 -10.04 -9.85 2.81
C ALA A 116 -8.70 -9.85 3.56
N PHE A 117 -7.81 -10.82 3.23
CA PHE A 117 -6.47 -10.89 3.81
C PHE A 117 -5.64 -9.68 3.35
N CYS A 118 -5.67 -9.33 2.05
CA CYS A 118 -4.97 -8.14 1.53
C CYS A 118 -5.46 -6.88 2.25
N HIS A 119 -6.77 -6.68 2.28
CA HIS A 119 -7.35 -5.47 2.84
C HIS A 119 -7.11 -5.35 4.32
N SER A 120 -7.15 -6.46 5.08
CA SER A 120 -6.87 -6.40 6.52
C SER A 120 -5.39 -6.03 6.81
N HIS A 121 -4.49 -6.31 5.85
CA HIS A 121 -3.05 -5.91 5.88
C HIS A 121 -2.80 -4.57 5.17
N ARG A 122 -3.85 -3.81 4.89
CA ARG A 122 -3.83 -2.53 4.21
C ARG A 122 -3.12 -2.57 2.86
N VAL A 123 -3.45 -3.58 2.04
CA VAL A 123 -2.91 -3.74 0.69
C VAL A 123 -4.06 -3.70 -0.30
N LEU A 124 -4.00 -2.79 -1.26
CA LEU A 124 -4.96 -2.71 -2.36
C LEU A 124 -4.28 -3.44 -3.54
N HIS A 125 -4.97 -4.34 -4.21
CA HIS A 125 -4.40 -5.03 -5.37
C HIS A 125 -4.38 -4.11 -6.60
N ARG A 126 -5.54 -3.52 -6.93
CA ARG A 126 -5.76 -2.53 -7.99
C ARG A 126 -5.62 -3.05 -9.43
N ASP A 127 -5.53 -4.36 -9.65
CA ASP A 127 -5.43 -4.90 -11.00
C ASP A 127 -6.13 -6.24 -11.10
N LEU A 128 -7.30 -6.37 -10.44
CA LEU A 128 -8.06 -7.60 -10.50
C LEU A 128 -8.73 -7.68 -11.88
N LYS A 129 -8.33 -8.67 -12.61
CA LYS A 129 -8.81 -9.03 -13.95
C LYS A 129 -8.65 -10.55 -14.06
N PRO A 130 -9.46 -11.25 -14.86
CA PRO A 130 -9.35 -12.71 -14.93
C PRO A 130 -7.94 -13.27 -15.19
N GLN A 131 -7.11 -12.59 -16.01
CA GLN A 131 -5.75 -13.07 -16.27
C GLN A 131 -4.82 -12.97 -15.05
N ASN A 132 -5.20 -12.21 -14.01
CA ASN A 132 -4.40 -12.15 -12.79
C ASN A 132 -4.92 -13.10 -11.68
N LEU A 133 -5.93 -13.94 -11.99
CA LEU A 133 -6.50 -14.90 -11.05
C LEU A 133 -6.11 -16.30 -11.52
N LEU A 134 -5.24 -16.96 -10.77
CA LEU A 134 -4.68 -18.23 -11.19
C LEU A 134 -5.29 -19.42 -10.53
N ILE A 135 -5.62 -20.41 -11.32
CA ILE A 135 -6.24 -21.63 -10.84
C ILE A 135 -5.31 -22.85 -10.96
N ASN A 136 -5.51 -23.84 -10.10
CA ASN A 136 -4.76 -25.09 -10.22
C ASN A 136 -5.73 -26.26 -10.51
N THR A 137 -5.21 -27.48 -10.57
CA THR A 137 -6.03 -28.68 -10.80
C THR A 137 -6.63 -29.25 -9.51
N GLU A 138 -6.46 -28.58 -8.38
CA GLU A 138 -6.98 -29.03 -7.10
C GLU A 138 -8.13 -28.14 -6.56
N GLY A 139 -8.76 -27.34 -7.42
CA GLY A 139 -9.87 -26.47 -7.05
C GLY A 139 -9.50 -25.16 -6.40
N ALA A 140 -8.22 -24.81 -6.36
CA ALA A 140 -7.79 -23.56 -5.77
C ALA A 140 -7.71 -22.45 -6.84
N ILE A 141 -7.96 -21.20 -6.41
CA ILE A 141 -7.81 -19.98 -7.18
C ILE A 141 -7.06 -18.98 -6.28
N LYS A 142 -6.07 -18.26 -6.86
CA LYS A 142 -5.22 -17.33 -6.13
C LYS A 142 -5.02 -16.02 -6.87
N LEU A 143 -4.76 -14.93 -6.09
CA LEU A 143 -4.46 -13.59 -6.60
C LEU A 143 -3.01 -13.54 -7.02
N ALA A 144 -2.76 -13.03 -8.21
CA ALA A 144 -1.40 -12.90 -8.71
C ALA A 144 -1.16 -11.45 -9.23
N ASP A 145 0.09 -11.13 -9.58
CA ASP A 145 0.56 -9.89 -10.15
C ASP A 145 0.22 -8.70 -9.28
N PHE A 146 1.05 -8.49 -8.26
CA PHE A 146 0.96 -7.38 -7.34
C PHE A 146 1.80 -6.18 -7.79
N GLY A 147 2.08 -6.09 -9.08
CA GLY A 147 2.88 -5.03 -9.68
C GLY A 147 2.23 -3.67 -9.60
N LEU A 148 0.91 -3.63 -9.55
CA LEU A 148 0.16 -2.38 -9.43
C LEU A 148 -0.43 -2.21 -8.00
N ALA A 149 -0.11 -3.11 -7.07
CA ALA A 149 -0.62 -3.08 -5.72
C ALA A 149 -0.02 -1.92 -4.91
N ARG A 150 -0.69 -1.52 -3.82
CA ARG A 150 -0.20 -0.42 -3.01
C ARG A 150 -0.61 -0.56 -1.56
N ALA A 151 0.30 -0.22 -0.64
CA ALA A 151 -0.05 -0.20 0.78
C ALA A 151 -0.85 1.09 1.02
N PHE A 152 -1.96 1.04 1.77
CA PHE A 152 -2.76 2.25 2.01
C PHE A 152 -2.78 2.63 3.49
N GLY A 153 -2.91 3.93 3.76
CA GLY A 153 -2.98 4.43 5.12
C GLY A 153 -4.40 4.54 5.64
N VAL A 154 -4.56 4.63 6.97
CA VAL A 154 -5.87 4.79 7.59
C VAL A 154 -5.88 6.11 8.36
N PRO A 155 -6.37 7.27 7.83
CA PRO A 155 -7.02 7.49 6.52
C PRO A 155 -6.10 7.44 5.31
N VAL A 156 -6.72 7.18 4.17
CA VAL A 156 -6.07 7.09 2.88
C VAL A 156 -5.71 8.52 2.41
N ARG A 157 -4.80 8.62 1.43
CA ARG A 157 -4.49 9.91 0.80
C ARG A 157 -4.77 9.81 -0.73
N THR A 158 -4.65 10.93 -1.47
CA THR A 158 -4.88 10.90 -2.91
C THR A 158 -3.86 9.98 -3.60
N TYR A 159 -4.34 8.91 -4.25
CA TYR A 159 -3.42 7.99 -4.93
C TYR A 159 -3.42 8.15 -6.46
N TPO A 160 -2.70 7.24 -7.18
CA TPO A 160 -2.60 7.23 -8.63
CB TPO A 160 -1.63 6.08 -9.08
CG2 TPO A 160 -1.57 5.90 -10.61
OG1 TPO A 160 -0.28 6.27 -8.59
P TPO A 160 0.17 5.22 -7.49
O1P TPO A 160 -0.87 5.12 -6.34
O2P TPO A 160 1.49 5.68 -6.85
O3P TPO A 160 0.45 3.86 -8.14
C TPO A 160 -3.99 7.01 -9.24
O TPO A 160 -4.65 6.01 -8.91
N HIS A 161 -4.45 7.95 -10.11
CA HIS A 161 -5.75 7.92 -10.76
C HIS A 161 -5.93 6.71 -11.72
N GLU A 162 -5.17 6.67 -12.83
CA GLU A 162 -5.14 5.65 -13.88
C GLU A 162 -4.68 4.37 -13.19
N VAL A 163 -5.63 3.54 -12.66
CA VAL A 163 -5.16 2.43 -11.82
C VAL A 163 -5.71 1.01 -12.12
N VAL A 164 -7.01 0.81 -12.46
CA VAL A 164 -7.49 -0.55 -12.75
C VAL A 164 -7.73 -0.71 -14.28
N THR A 165 -7.58 -1.95 -14.83
CA THR A 165 -7.90 -2.25 -16.24
C THR A 165 -9.39 -1.83 -16.51
N LEU A 166 -9.63 -1.05 -17.58
CA LEU A 166 -10.87 -0.40 -17.93
C LEU A 166 -12.16 -1.19 -17.63
N TRP A 167 -12.31 -2.40 -18.11
CA TRP A 167 -13.52 -3.22 -17.93
C TRP A 167 -13.86 -3.51 -16.48
N TYR A 168 -12.83 -3.48 -15.62
CA TYR A 168 -12.95 -3.75 -14.17
C TYR A 168 -12.82 -2.51 -13.30
N ARG A 169 -12.75 -1.31 -13.90
CA ARG A 169 -12.58 -0.07 -13.16
C ARG A 169 -13.88 0.41 -12.50
N ALA A 170 -13.80 0.76 -11.22
CA ALA A 170 -14.94 1.21 -10.44
C ALA A 170 -15.41 2.62 -10.88
N PRO A 171 -16.73 2.90 -10.76
CA PRO A 171 -17.25 4.21 -11.18
C PRO A 171 -16.66 5.41 -10.44
N GLU A 172 -16.27 5.28 -9.16
CA GLU A 172 -15.65 6.40 -8.43
C GLU A 172 -14.31 6.80 -9.07
N ILE A 173 -13.59 5.86 -9.70
CA ILE A 173 -12.36 6.16 -10.42
C ILE A 173 -12.74 6.86 -11.73
N LEU A 174 -13.69 6.29 -12.50
CA LEU A 174 -14.09 6.88 -13.78
C LEU A 174 -14.64 8.30 -13.61
N LEU A 175 -15.33 8.60 -12.48
CA LEU A 175 -15.88 9.93 -12.23
C LEU A 175 -14.87 10.91 -11.57
N GLY A 176 -13.59 10.55 -11.52
CA GLY A 176 -12.53 11.40 -11.01
C GLY A 176 -12.44 11.65 -9.52
N CYS A 177 -12.90 10.73 -8.67
CA CYS A 177 -12.82 10.91 -7.23
C CYS A 177 -11.39 11.13 -6.72
N LYS A 178 -11.24 12.02 -5.73
CA LYS A 178 -9.94 12.34 -5.14
C LYS A 178 -9.42 11.18 -4.28
N TYR A 179 -10.32 10.47 -3.61
CA TYR A 179 -9.92 9.35 -2.75
C TYR A 179 -10.56 8.03 -3.17
N TYR A 180 -9.84 6.93 -2.95
CA TYR A 180 -10.33 5.58 -3.18
C TYR A 180 -9.57 4.61 -2.28
N SER A 181 -10.15 3.45 -2.05
CA SER A 181 -9.47 2.42 -1.27
C SER A 181 -10.00 1.02 -1.63
N THR A 182 -10.30 0.16 -0.64
CA THR A 182 -10.66 -1.22 -0.81
C THR A 182 -11.84 -1.47 -1.72
N ALA A 183 -12.80 -0.54 -1.78
CA ALA A 183 -13.99 -0.72 -2.61
C ALA A 183 -13.69 -0.89 -4.11
N VAL A 184 -12.54 -0.36 -4.62
CA VAL A 184 -12.21 -0.56 -6.04
C VAL A 184 -11.94 -2.06 -6.35
N ASP A 185 -11.32 -2.80 -5.41
CA ASP A 185 -11.06 -4.22 -5.60
C ASP A 185 -12.35 -5.03 -5.56
N ILE A 186 -13.30 -4.64 -4.67
CA ILE A 186 -14.60 -5.30 -4.57
C ILE A 186 -15.40 -5.11 -5.89
N TRP A 187 -15.34 -3.92 -6.49
CA TRP A 187 -16.02 -3.66 -7.76
C TRP A 187 -15.50 -4.61 -8.84
N SER A 188 -14.17 -4.77 -8.95
CA SER A 188 -13.56 -5.68 -9.94
C SER A 188 -13.99 -7.11 -9.69
N LEU A 189 -14.04 -7.54 -8.41
CA LEU A 189 -14.49 -8.89 -8.07
C LEU A 189 -15.95 -9.11 -8.42
N GLY A 190 -16.78 -8.07 -8.28
CA GLY A 190 -18.19 -8.12 -8.68
C GLY A 190 -18.33 -8.32 -10.19
N CYS A 191 -17.53 -7.60 -10.97
CA CYS A 191 -17.49 -7.76 -12.43
C CYS A 191 -17.09 -9.17 -12.82
N ILE A 192 -16.12 -9.77 -12.11
CA ILE A 192 -15.64 -11.12 -12.40
C ILE A 192 -16.66 -12.19 -11.98
N PHE A 193 -17.42 -11.95 -10.88
CA PHE A 193 -18.47 -12.87 -10.40
C PHE A 193 -19.51 -13.02 -11.51
N ALA A 194 -19.98 -11.89 -12.06
CA ALA A 194 -20.95 -11.88 -13.17
C ALA A 194 -20.36 -12.50 -14.43
N GLU A 195 -19.08 -12.24 -14.71
CA GLU A 195 -18.41 -12.81 -15.86
C GLU A 195 -18.30 -14.34 -15.75
N MET A 196 -18.10 -14.88 -14.53
CA MET A 196 -18.07 -16.33 -14.33
C MET A 196 -19.45 -16.94 -14.63
N VAL A 197 -20.52 -16.25 -14.24
CA VAL A 197 -21.90 -16.69 -14.43
C VAL A 197 -22.34 -16.69 -15.91
N THR A 198 -22.02 -15.64 -16.66
CA THR A 198 -22.46 -15.51 -18.04
C THR A 198 -21.41 -15.84 -19.10
N ARG A 199 -20.13 -15.90 -18.72
CA ARG A 199 -18.97 -16.07 -19.60
C ARG A 199 -18.87 -14.93 -20.64
N ARG A 200 -19.21 -13.72 -20.21
CA ARG A 200 -19.11 -12.50 -21.01
C ARG A 200 -18.76 -11.39 -20.02
N ALA A 201 -17.80 -10.51 -20.36
CA ALA A 201 -17.47 -9.36 -19.53
C ALA A 201 -18.73 -8.50 -19.31
N LEU A 202 -19.02 -8.18 -18.05
CA LEU A 202 -20.22 -7.45 -17.67
C LEU A 202 -20.25 -6.06 -18.29
N PHE A 203 -19.11 -5.34 -18.24
CA PHE A 203 -19.02 -3.98 -18.74
C PHE A 203 -17.84 -3.83 -19.70
N PRO A 204 -17.96 -4.28 -20.97
CA PRO A 204 -16.79 -4.24 -21.86
C PRO A 204 -16.63 -2.93 -22.64
N GLY A 205 -16.34 -1.85 -21.95
CA GLY A 205 -16.19 -0.55 -22.60
C GLY A 205 -15.00 -0.41 -23.52
N ASP A 206 -15.07 0.52 -24.47
CA ASP A 206 -13.96 0.79 -25.37
C ASP A 206 -13.31 2.16 -25.13
N SER A 207 -13.79 2.91 -24.13
CA SER A 207 -13.27 4.20 -23.71
C SER A 207 -13.85 4.47 -22.32
N GLU A 208 -13.38 5.51 -21.64
CA GLU A 208 -13.84 5.85 -20.31
C GLU A 208 -15.32 6.25 -20.27
N ILE A 209 -15.79 7.05 -21.25
CA ILE A 209 -17.20 7.46 -21.26
C ILE A 209 -18.11 6.27 -21.59
N ASP A 210 -17.67 5.42 -22.53
CA ASP A 210 -18.40 4.22 -22.91
C ASP A 210 -18.47 3.21 -21.76
N GLN A 211 -17.42 3.11 -20.95
CA GLN A 211 -17.40 2.24 -19.77
C GLN A 211 -18.45 2.75 -18.74
N LEU A 212 -18.49 4.06 -18.52
CA LEU A 212 -19.47 4.67 -17.63
C LEU A 212 -20.87 4.44 -18.14
N PHE A 213 -21.11 4.60 -19.43
CA PHE A 213 -22.46 4.42 -19.99
C PHE A 213 -22.90 2.98 -19.94
N ARG A 214 -21.98 2.00 -20.12
CA ARG A 214 -22.34 0.60 -19.98
C ARG A 214 -22.73 0.29 -18.53
N ILE A 215 -22.01 0.91 -17.56
CA ILE A 215 -22.35 0.72 -16.16
C ILE A 215 -23.73 1.31 -15.88
N PHE A 216 -23.95 2.57 -16.29
CA PHE A 216 -25.23 3.26 -16.13
C PHE A 216 -26.38 2.52 -16.81
N ARG A 217 -26.18 1.89 -17.97
CA ARG A 217 -27.26 1.14 -18.63
C ARG A 217 -27.70 -0.08 -17.84
N THR A 218 -26.80 -0.65 -17.03
CA THR A 218 -27.12 -1.86 -16.29
C THR A 218 -27.63 -1.54 -14.89
N LEU A 219 -26.89 -0.69 -14.15
CA LEU A 219 -27.24 -0.36 -12.77
C LEU A 219 -28.13 0.89 -12.61
N GLY A 220 -28.39 1.59 -13.72
CA GLY A 220 -29.14 2.84 -13.72
C GLY A 220 -28.22 4.01 -13.48
N THR A 221 -28.57 5.20 -13.98
CA THR A 221 -27.75 6.39 -13.78
C THR A 221 -27.82 6.78 -12.33
N PRO A 222 -26.66 6.86 -11.66
CA PRO A 222 -26.66 7.20 -10.24
C PRO A 222 -27.09 8.63 -10.02
N ASP A 223 -27.67 8.89 -8.87
CA ASP A 223 -28.09 10.21 -8.46
C ASP A 223 -27.69 10.43 -6.99
N GLU A 224 -27.96 11.62 -6.44
CA GLU A 224 -27.63 11.95 -5.05
C GLU A 224 -28.24 11.03 -4.02
N VAL A 225 -29.35 10.36 -4.35
CA VAL A 225 -29.99 9.45 -3.42
C VAL A 225 -29.15 8.17 -3.25
N VAL A 226 -28.85 7.48 -4.35
CA VAL A 226 -28.07 6.25 -4.27
C VAL A 226 -26.58 6.52 -4.00
N TRP A 227 -26.07 7.70 -4.38
CA TRP A 227 -24.66 8.01 -4.20
C TRP A 227 -24.44 9.46 -3.79
N PRO A 228 -24.51 9.79 -2.49
CA PRO A 228 -24.31 11.19 -2.08
C PRO A 228 -22.95 11.73 -2.53
N GLY A 229 -23.00 12.78 -3.32
CA GLY A 229 -21.82 13.44 -3.86
C GLY A 229 -21.56 13.17 -5.35
N VAL A 230 -22.35 12.27 -6.03
CA VAL A 230 -22.10 12.02 -7.46
C VAL A 230 -22.07 13.26 -8.31
N THR A 231 -23.10 14.15 -8.17
CA THR A 231 -23.26 15.32 -9.03
C THR A 231 -22.18 16.40 -8.79
N SER A 232 -21.42 16.30 -7.69
CA SER A 232 -20.32 17.20 -7.41
C SER A 232 -18.94 16.58 -7.74
N MET A 233 -18.91 15.44 -8.46
CA MET A 233 -17.66 14.79 -8.84
C MET A 233 -17.07 15.40 -10.11
N PRO A 234 -15.72 15.45 -10.18
CA PRO A 234 -15.06 16.09 -11.33
C PRO A 234 -15.56 15.73 -12.73
N ASP A 235 -15.81 14.44 -13.01
CA ASP A 235 -16.25 14.04 -14.33
C ASP A 235 -17.74 13.76 -14.43
N TYR A 236 -18.54 14.16 -13.41
CA TYR A 236 -20.00 13.99 -13.54
C TYR A 236 -20.49 15.04 -14.53
N LYS A 237 -21.42 14.67 -15.42
CA LYS A 237 -22.02 15.61 -16.35
C LYS A 237 -23.53 15.57 -16.21
N PRO A 238 -24.20 16.70 -15.92
CA PRO A 238 -25.69 16.69 -15.88
C PRO A 238 -26.32 16.18 -17.20
N SER A 239 -25.56 16.24 -18.30
CA SER A 239 -26.00 15.74 -19.62
C SER A 239 -26.05 14.21 -19.73
N PHE A 240 -25.51 13.45 -18.74
CA PHE A 240 -25.52 11.98 -18.79
C PHE A 240 -26.95 11.43 -18.99
N PRO A 241 -27.14 10.49 -19.93
CA PRO A 241 -28.49 9.90 -20.11
C PRO A 241 -29.01 9.23 -18.85
N LYS A 242 -30.34 9.24 -18.67
CA LYS A 242 -30.95 8.67 -17.47
C LYS A 242 -31.52 7.30 -17.76
N TRP A 243 -30.75 6.25 -17.47
CA TRP A 243 -31.21 4.89 -17.68
C TRP A 243 -31.76 4.32 -16.40
N ALA A 244 -32.70 3.38 -16.52
CA ALA A 244 -33.28 2.74 -15.35
C ALA A 244 -32.47 1.50 -15.01
N ARG A 245 -32.39 1.16 -13.72
CA ARG A 245 -31.67 -0.03 -13.28
C ARG A 245 -32.33 -1.28 -13.85
N GLN A 246 -31.54 -2.13 -14.49
CA GLN A 246 -32.04 -3.38 -15.04
C GLN A 246 -32.25 -4.42 -13.93
N ASP A 247 -33.16 -5.37 -14.15
CA ASP A 247 -33.41 -6.42 -13.18
C ASP A 247 -32.30 -7.46 -13.33
N PHE A 248 -31.72 -7.89 -12.20
CA PHE A 248 -30.62 -8.87 -12.17
C PHE A 248 -31.01 -10.24 -12.67
N SER A 249 -32.32 -10.53 -12.81
CA SER A 249 -32.74 -11.79 -13.41
C SER A 249 -32.36 -11.78 -14.92
N LYS A 250 -32.27 -10.59 -15.56
CA LYS A 250 -31.87 -10.46 -16.97
C LYS A 250 -30.34 -10.23 -17.09
N VAL A 251 -29.73 -9.50 -16.12
CA VAL A 251 -28.29 -9.25 -16.12
C VAL A 251 -27.51 -10.55 -15.88
N VAL A 252 -27.94 -11.36 -14.91
CA VAL A 252 -27.30 -12.65 -14.58
C VAL A 252 -28.37 -13.75 -14.43
N PRO A 253 -28.96 -14.20 -15.56
CA PRO A 253 -30.07 -15.19 -15.49
C PRO A 253 -29.82 -16.48 -14.69
N PRO A 254 -28.66 -17.19 -14.80
CA PRO A 254 -28.49 -18.41 -14.00
C PRO A 254 -28.32 -18.22 -12.49
N LEU A 255 -28.22 -16.96 -12.03
CA LEU A 255 -27.97 -16.69 -10.61
C LEU A 255 -29.21 -16.74 -9.75
N ASP A 256 -29.08 -17.33 -8.56
CA ASP A 256 -30.18 -17.43 -7.61
C ASP A 256 -30.33 -16.11 -6.81
N GLU A 257 -31.36 -16.00 -5.95
CA GLU A 257 -31.63 -14.80 -5.17
C GLU A 257 -30.46 -14.35 -4.31
N ASP A 258 -29.82 -15.29 -3.61
CA ASP A 258 -28.67 -14.96 -2.78
C ASP A 258 -27.48 -14.47 -3.61
N GLY A 259 -27.30 -15.05 -4.79
CA GLY A 259 -26.22 -14.66 -5.69
C GLY A 259 -26.43 -13.25 -6.19
N ARG A 260 -27.67 -12.94 -6.57
CA ARG A 260 -28.06 -11.63 -7.06
C ARG A 260 -27.88 -10.55 -5.99
N SER A 261 -28.23 -10.88 -4.74
CA SER A 261 -28.10 -9.97 -3.60
C SER A 261 -26.63 -9.62 -3.39
N LEU A 262 -25.75 -10.62 -3.33
CA LEU A 262 -24.32 -10.44 -3.15
C LEU A 262 -23.74 -9.61 -4.27
N LEU A 263 -24.10 -9.93 -5.52
CA LEU A 263 -23.61 -9.19 -6.68
C LEU A 263 -24.01 -7.71 -6.62
N SER A 264 -25.27 -7.42 -6.24
CA SER A 264 -25.72 -6.02 -6.19
C SER A 264 -25.02 -5.21 -5.09
N GLN A 265 -24.62 -5.87 -4.00
CA GLN A 265 -23.87 -5.21 -2.93
C GLN A 265 -22.40 -5.01 -3.29
N MET A 266 -21.84 -5.88 -4.16
CA MET A 266 -20.46 -5.71 -4.62
C MET A 266 -20.37 -4.62 -5.70
N LEU A 267 -21.47 -4.37 -6.42
CA LEU A 267 -21.57 -3.37 -7.47
C LEU A 267 -22.36 -2.14 -7.02
N HIS A 268 -22.36 -1.85 -5.71
CA HIS A 268 -23.02 -0.68 -5.15
C HIS A 268 -22.26 0.54 -5.65
N TYR A 269 -22.96 1.58 -6.12
CA TYR A 269 -22.33 2.79 -6.65
C TYR A 269 -21.46 3.46 -5.59
N ASP A 270 -22.02 3.71 -4.41
CA ASP A 270 -21.36 4.39 -3.32
C ASP A 270 -20.26 3.52 -2.73
N PRO A 271 -18.99 3.95 -2.87
CA PRO A 271 -17.88 3.14 -2.31
C PRO A 271 -17.96 2.92 -0.80
N ASN A 272 -18.63 3.86 -0.09
CA ASN A 272 -18.80 3.75 1.36
C ASN A 272 -19.83 2.70 1.76
N LYS A 273 -20.79 2.41 0.89
CA LYS A 273 -21.81 1.39 1.16
C LYS A 273 -21.55 0.06 0.44
N ARG A 274 -20.58 0.01 -0.50
CA ARG A 274 -20.25 -1.20 -1.24
C ARG A 274 -19.73 -2.24 -0.21
N ILE A 275 -20.21 -3.49 -0.29
CA ILE A 275 -19.84 -4.54 0.68
C ILE A 275 -18.32 -4.79 0.75
N SER A 276 -17.80 -5.02 1.96
CA SER A 276 -16.39 -5.32 2.13
C SER A 276 -16.14 -6.83 1.83
N ALA A 277 -14.87 -7.25 1.64
CA ALA A 277 -14.58 -8.67 1.38
C ALA A 277 -14.91 -9.53 2.59
N LYS A 278 -14.64 -9.01 3.80
CA LYS A 278 -14.95 -9.70 5.04
C LYS A 278 -16.45 -9.91 5.17
N ALA A 279 -17.26 -8.83 4.98
CA ALA A 279 -18.72 -8.98 5.07
C ALA A 279 -19.29 -9.84 3.95
N ALA A 280 -18.70 -9.80 2.74
CA ALA A 280 -19.17 -10.65 1.63
C ALA A 280 -19.06 -12.13 2.01
N LEU A 281 -18.03 -12.51 2.77
CA LEU A 281 -17.80 -13.88 3.22
C LEU A 281 -18.92 -14.40 4.13
N ALA A 282 -19.60 -13.50 4.84
CA ALA A 282 -20.71 -13.82 5.74
C ALA A 282 -22.07 -13.79 5.03
N HIS A 283 -22.12 -13.55 3.72
CA HIS A 283 -23.38 -13.45 2.99
C HIS A 283 -24.02 -14.84 2.88
N PRO A 284 -25.37 -14.90 2.95
CA PRO A 284 -26.06 -16.19 2.85
C PRO A 284 -25.74 -17.00 1.59
N PHE A 285 -25.18 -16.36 0.53
CA PHE A 285 -24.80 -17.07 -0.69
C PHE A 285 -23.74 -18.16 -0.39
N PHE A 286 -22.90 -17.95 0.64
CA PHE A 286 -21.84 -18.87 1.02
C PHE A 286 -22.18 -19.77 2.22
N GLN A 287 -23.41 -19.70 2.76
CA GLN A 287 -23.84 -20.45 3.95
C GLN A 287 -23.54 -21.97 3.88
N ASP A 288 -23.60 -22.55 2.67
CA ASP A 288 -23.34 -23.98 2.45
C ASP A 288 -21.84 -24.32 2.23
N VAL A 289 -20.94 -23.32 2.36
CA VAL A 289 -19.50 -23.49 2.20
C VAL A 289 -18.77 -23.10 3.49
N THR A 290 -19.30 -22.11 4.22
CA THR A 290 -18.72 -21.65 5.48
C THR A 290 -19.71 -21.73 6.62
N LYS A 291 -19.18 -21.81 7.84
CA LYS A 291 -19.98 -21.84 9.06
C LYS A 291 -19.58 -20.60 9.87
N PRO A 292 -20.57 -19.86 10.40
CA PRO A 292 -20.22 -18.65 11.17
C PRO A 292 -19.46 -18.98 12.46
N VAL A 293 -18.59 -18.07 12.88
CA VAL A 293 -17.80 -18.28 14.10
C VAL A 293 -18.37 -17.49 15.27
N PRO A 294 -18.33 -18.06 16.48
CA PRO A 294 -18.86 -17.33 17.65
C PRO A 294 -18.11 -16.02 17.87
N HIS A 295 -18.84 -14.93 18.08
CA HIS A 295 -18.22 -13.62 18.24
C HIS A 295 -18.19 -13.18 19.70
N LEU A 296 -17.00 -12.86 20.19
CA LEU A 296 -16.83 -12.35 21.54
C LEU A 296 -17.42 -10.92 21.64
N ARG A 297 -17.79 -10.49 22.86
CA ARG A 297 -18.37 -9.19 23.17
C ARG A 297 -19.78 -9.05 22.60
N SER B 16 -7.79 -1.87 20.54
CA SER B 16 -7.89 -1.05 19.35
C SER B 16 -8.71 0.23 19.59
N PRO B 17 -8.17 1.37 19.17
CA PRO B 17 -8.91 2.63 19.30
C PRO B 17 -9.87 2.92 18.13
N LEU B 18 -9.76 2.16 17.03
CA LEU B 18 -10.56 2.29 15.82
C LEU B 18 -12.03 1.94 16.09
N PRO B 19 -13.00 2.55 15.38
CA PRO B 19 -14.40 2.23 15.63
C PRO B 19 -14.88 1.01 14.84
N ALA B 24 -13.26 -4.53 6.98
CA ALA B 24 -12.45 -5.45 7.80
C ALA B 24 -12.65 -5.22 9.32
N ASN B 25 -12.35 -6.25 10.13
CA ASN B 25 -12.50 -6.23 11.59
C ASN B 25 -11.58 -5.19 12.22
N ARG B 26 -12.10 -4.47 13.22
CA ARG B 26 -11.39 -3.42 13.95
C ARG B 26 -10.13 -3.97 14.65
N GLU B 27 -10.27 -5.04 15.45
CA GLU B 27 -9.18 -5.66 16.19
C GLU B 27 -8.20 -6.40 15.28
N GLU B 28 -8.68 -6.92 14.14
CA GLU B 28 -7.83 -7.65 13.19
C GLU B 28 -6.87 -6.69 12.47
N VAL B 29 -7.38 -5.54 11.96
CA VAL B 29 -6.56 -4.54 11.27
C VAL B 29 -5.54 -3.92 12.23
N TRP B 30 -5.99 -3.62 13.45
CA TRP B 30 -5.15 -3.02 14.48
C TRP B 30 -4.05 -3.97 14.97
N LYS B 31 -4.37 -5.26 15.18
CA LYS B 31 -3.37 -6.21 15.65
C LYS B 31 -2.30 -6.48 14.58
N ILE B 32 -2.68 -6.47 13.28
CA ILE B 32 -1.71 -6.65 12.19
C ILE B 32 -0.73 -5.45 12.17
N MET B 33 -1.25 -4.25 12.46
CA MET B 33 -0.45 -3.04 12.57
C MET B 33 0.52 -3.12 13.76
N LEU B 34 0.01 -3.49 14.96
CA LEU B 34 0.87 -3.62 16.14
C LEU B 34 1.93 -4.72 15.94
N ASN B 35 1.58 -5.82 15.24
CA ASN B 35 2.51 -6.91 14.97
C ASN B 35 3.46 -6.67 13.79
N LYS B 36 3.47 -5.45 13.24
CA LYS B 36 4.41 -5.07 12.17
C LYS B 36 5.67 -4.43 12.81
N GLU B 37 5.49 -3.69 13.92
CA GLU B 37 6.61 -3.14 14.70
C GLU B 37 7.40 -4.31 15.36
N LYS B 38 6.68 -5.39 15.73
CA LYS B 38 7.23 -6.61 16.33
C LYS B 38 8.04 -7.47 15.33
N THR B 39 7.84 -7.26 14.01
CA THR B 39 8.59 -7.97 12.98
C THR B 39 9.69 -7.10 12.34
N TYR B 40 9.54 -5.78 12.38
CA TYR B 40 10.53 -4.84 11.86
C TYR B 40 11.34 -4.43 13.09
N LEU B 41 12.53 -5.00 13.25
CA LEU B 41 13.35 -4.76 14.44
C LEU B 41 14.38 -3.65 14.24
N ARG B 42 14.46 -2.74 15.21
CA ARG B 42 15.43 -1.65 15.14
C ARG B 42 16.13 -1.41 16.51
N ASP B 43 17.46 -1.16 16.51
CA ASP B 43 18.20 -0.99 17.74
C ASP B 43 18.76 0.42 17.93
N GLN B 44 18.52 0.99 19.11
CA GLN B 44 18.91 2.33 19.55
C GLN B 44 20.42 2.58 19.61
N HIS B 45 21.24 1.53 19.78
CA HIS B 45 22.70 1.70 19.84
C HIS B 45 23.37 1.04 18.62
N PHE B 46 22.78 1.20 17.41
CA PHE B 46 23.37 0.62 16.20
C PHE B 46 24.71 1.27 15.84
N LEU B 47 24.93 2.52 16.26
CA LEU B 47 26.19 3.21 15.97
C LEU B 47 27.38 2.69 16.79
N GLU B 48 27.15 1.70 17.68
CA GLU B 48 28.22 1.02 18.41
C GLU B 48 28.94 0.06 17.46
N GLN B 49 28.23 -0.51 16.45
CA GLN B 49 28.85 -1.38 15.43
C GLN B 49 29.73 -0.60 14.44
N HIS B 50 29.67 0.73 14.46
CA HIS B 50 30.43 1.62 13.58
C HIS B 50 31.22 2.57 14.48
N PRO B 51 32.38 2.12 15.02
CA PRO B 51 33.11 2.94 16.00
C PRO B 51 33.64 4.27 15.47
N LEU B 52 33.78 4.40 14.14
CA LEU B 52 34.18 5.70 13.57
C LEU B 52 33.02 6.71 13.53
N LEU B 53 31.79 6.29 13.89
CA LEU B 53 30.65 7.18 13.86
C LEU B 53 30.15 7.62 15.24
N GLN B 54 29.66 8.87 15.31
CA GLN B 54 29.07 9.50 16.50
C GLN B 54 27.58 9.75 16.24
N PRO B 55 26.72 9.63 17.27
CA PRO B 55 25.28 9.86 17.06
C PRO B 55 24.88 11.13 16.32
N LYS B 56 25.67 12.22 16.40
CA LYS B 56 25.34 13.46 15.70
C LYS B 56 25.50 13.37 14.19
N MET B 57 26.33 12.43 13.69
CA MET B 57 26.49 12.25 12.24
C MET B 57 25.15 11.81 11.62
N ARG B 58 24.43 10.91 12.32
CA ARG B 58 23.10 10.43 11.96
C ARG B 58 22.08 11.56 11.95
N ALA B 59 22.16 12.48 12.94
CA ALA B 59 21.26 13.63 13.05
C ALA B 59 21.44 14.63 11.92
N ILE B 60 22.70 14.96 11.56
CA ILE B 60 22.98 15.88 10.45
C ILE B 60 22.52 15.25 9.12
N LEU B 61 22.69 13.92 8.98
CA LEU B 61 22.26 13.22 7.78
C LEU B 61 20.72 13.25 7.64
N LEU B 62 19.98 12.82 8.68
CA LEU B 62 18.52 12.81 8.66
C LEU B 62 17.97 14.22 8.46
N ASP B 63 18.61 15.22 9.08
CA ASP B 63 18.19 16.61 8.92
C ASP B 63 18.37 17.06 7.48
N TRP B 64 19.48 16.68 6.86
CA TRP B 64 19.73 17.03 5.47
C TRP B 64 18.71 16.35 4.56
N LEU B 65 18.38 15.07 4.82
CA LEU B 65 17.38 14.32 4.05
C LEU B 65 16.00 14.98 4.09
N MET B 66 15.65 15.64 5.23
CA MET B 66 14.39 16.38 5.39
C MET B 66 14.38 17.61 4.47
N GLU B 67 15.54 18.27 4.36
CA GLU B 67 15.63 19.45 3.51
C GLU B 67 15.50 19.07 2.04
N VAL B 68 16.15 17.96 1.60
CA VAL B 68 15.99 17.53 0.19
C VAL B 68 14.51 17.15 -0.05
N CYS B 69 13.85 16.48 0.95
CA CYS B 69 12.43 16.14 0.88
C CYS B 69 11.59 17.38 0.64
N GLU B 70 11.84 18.47 1.38
CA GLU B 70 11.12 19.73 1.18
C GLU B 70 11.40 20.36 -0.19
N VAL B 71 12.66 20.35 -0.62
CA VAL B 71 13.02 20.88 -1.95
C VAL B 71 12.22 20.20 -3.08
N TYR B 72 12.15 18.87 -3.06
CA TYR B 72 11.41 18.14 -4.10
C TYR B 72 9.94 17.89 -3.76
N LYS B 73 9.40 18.61 -2.76
CA LYS B 73 8.01 18.50 -2.29
C LYS B 73 7.59 17.07 -2.02
N LEU B 74 8.51 16.28 -1.50
CA LEU B 74 8.26 14.89 -1.16
C LEU B 74 7.40 14.79 0.08
N HIS B 75 6.67 13.67 0.21
CA HIS B 75 5.79 13.42 1.32
C HIS B 75 6.56 13.06 2.62
N ARG B 76 5.95 13.38 3.79
CA ARG B 76 6.56 13.07 5.10
C ARG B 76 6.82 11.58 5.23
N GLU B 77 5.92 10.77 4.66
CA GLU B 77 5.99 9.31 4.62
C GLU B 77 7.27 8.82 3.93
N THR B 78 7.70 9.49 2.86
CA THR B 78 8.91 9.04 2.14
C THR B 78 10.16 9.42 2.97
N PHE B 79 10.13 10.52 3.74
CA PHE B 79 11.23 10.84 4.64
C PHE B 79 11.33 9.72 5.71
N TYR B 80 10.20 9.39 6.37
CA TYR B 80 10.20 8.38 7.41
C TYR B 80 10.51 6.99 6.90
N LEU B 81 10.20 6.68 5.61
CA LEU B 81 10.61 5.38 5.06
C LEU B 81 12.14 5.41 4.93
N ALA B 82 12.71 6.50 4.42
CA ALA B 82 14.15 6.64 4.26
C ALA B 82 14.89 6.60 5.59
N GLN B 83 14.31 7.23 6.65
CA GLN B 83 14.86 7.21 8.01
C GLN B 83 14.91 5.77 8.50
N ASP B 84 13.83 5.02 8.30
CA ASP B 84 13.74 3.65 8.77
C ASP B 84 14.67 2.71 7.98
N PHE B 85 14.81 2.93 6.66
CA PHE B 85 15.68 2.09 5.84
C PHE B 85 17.13 2.31 6.29
N PHE B 86 17.52 3.57 6.52
CA PHE B 86 18.84 3.95 6.98
C PHE B 86 19.20 3.33 8.33
N ASP B 87 18.36 3.55 9.37
CA ASP B 87 18.61 3.02 10.70
C ASP B 87 18.64 1.51 10.70
N ARG B 88 17.72 0.86 9.96
CA ARG B 88 17.69 -0.60 9.92
C ARG B 88 18.82 -1.19 9.09
N TYR B 89 19.29 -0.46 8.07
CA TYR B 89 20.39 -0.90 7.19
C TYR B 89 21.70 -0.90 7.99
N MET B 90 21.93 0.17 8.76
CA MET B 90 23.11 0.31 9.60
C MET B 90 23.24 -0.80 10.64
N ALA B 91 22.13 -1.39 11.08
CA ALA B 91 22.17 -2.52 12.01
C ALA B 91 22.73 -3.80 11.36
N THR B 92 22.72 -3.88 10.02
CA THR B 92 23.25 -5.03 9.29
C THR B 92 24.74 -4.84 8.96
N GLN B 93 25.17 -3.59 8.84
CA GLN B 93 26.55 -3.23 8.50
C GLN B 93 27.48 -3.12 9.72
N GLU B 94 28.75 -2.73 9.47
CA GLU B 94 29.82 -2.44 10.44
C GLU B 94 30.95 -1.63 9.79
N ASN B 95 31.52 -0.71 10.56
CA ASN B 95 32.66 0.14 10.18
C ASN B 95 32.40 1.08 9.03
N VAL B 96 31.23 1.72 9.05
CA VAL B 96 30.88 2.70 8.04
C VAL B 96 31.63 3.98 8.36
N VAL B 97 32.20 4.61 7.35
CA VAL B 97 32.95 5.85 7.50
C VAL B 97 32.01 7.04 7.21
N LYS B 98 32.32 8.20 7.78
CA LYS B 98 31.55 9.44 7.60
C LYS B 98 31.28 9.77 6.12
N THR B 99 32.18 9.36 5.23
CA THR B 99 32.09 9.63 3.80
C THR B 99 31.09 8.69 3.07
N LEU B 100 30.74 7.55 3.66
CA LEU B 100 29.76 6.64 3.07
C LEU B 100 28.30 7.09 3.37
N LEU B 101 28.09 7.79 4.48
CA LEU B 101 26.80 8.27 4.96
C LEU B 101 25.93 8.96 3.90
N GLN B 102 26.45 9.94 3.12
CA GLN B 102 25.67 10.64 2.11
C GLN B 102 25.09 9.73 1.05
N LEU B 103 25.80 8.63 0.71
CA LEU B 103 25.35 7.68 -0.29
C LEU B 103 24.29 6.75 0.29
N ILE B 104 24.51 6.25 1.50
CA ILE B 104 23.56 5.38 2.19
C ILE B 104 22.20 6.08 2.41
N GLY B 105 22.24 7.37 2.72
CA GLY B 105 21.06 8.18 2.97
C GLY B 105 20.31 8.57 1.72
N ILE B 106 21.01 9.12 0.71
CA ILE B 106 20.37 9.49 -0.55
C ILE B 106 19.81 8.24 -1.28
N SER B 107 20.43 7.06 -1.09
CA SER B 107 19.93 5.82 -1.69
C SER B 107 18.73 5.27 -0.92
N SER B 108 18.67 5.50 0.41
CA SER B 108 17.51 5.13 1.21
C SER B 108 16.33 6.00 0.75
N LEU B 109 16.58 7.29 0.48
CA LEU B 109 15.55 8.19 -0.01
C LEU B 109 15.10 7.89 -1.44
N PHE B 110 16.00 7.31 -2.26
CA PHE B 110 15.66 6.98 -3.65
C PHE B 110 14.63 5.87 -3.64
N ILE B 111 14.88 4.82 -2.86
CA ILE B 111 13.97 3.67 -2.68
C ILE B 111 12.64 4.16 -2.13
N ALA B 112 12.67 5.02 -1.09
CA ALA B 112 11.49 5.54 -0.44
C ALA B 112 10.61 6.34 -1.39
N ALA B 113 11.21 7.26 -2.17
CA ALA B 113 10.44 8.08 -3.10
C ALA B 113 9.83 7.23 -4.20
N LYS B 114 10.57 6.21 -4.68
CA LYS B 114 10.02 5.33 -5.73
C LYS B 114 8.87 4.52 -5.20
N LEU B 115 8.89 4.12 -3.92
CA LEU B 115 7.83 3.35 -3.31
C LEU B 115 6.60 4.20 -3.01
N GLU B 116 6.80 5.45 -2.62
CA GLU B 116 5.72 6.27 -2.08
C GLU B 116 5.13 7.34 -3.01
N GLU B 117 5.95 8.01 -3.83
CA GLU B 117 5.47 9.05 -4.72
C GLU B 117 4.83 8.53 -6.01
N ILE B 118 3.87 9.31 -6.57
CA ILE B 118 3.22 8.95 -7.82
C ILE B 118 4.24 9.20 -8.96
N TYR B 119 4.88 10.40 -8.94
CA TYR B 119 5.90 10.82 -9.89
C TYR B 119 7.13 11.21 -9.08
N PRO B 120 7.94 10.22 -8.68
CA PRO B 120 9.13 10.54 -7.88
C PRO B 120 10.17 11.30 -8.67
N PRO B 121 11.11 12.00 -8.01
CA PRO B 121 12.18 12.66 -8.78
C PRO B 121 13.03 11.61 -9.49
N LYS B 122 13.55 11.96 -10.65
CA LYS B 122 14.40 11.07 -11.42
C LYS B 122 15.73 10.83 -10.71
N LEU B 123 16.44 9.75 -11.06
CA LEU B 123 17.73 9.37 -10.50
C LEU B 123 18.73 10.51 -10.60
N HIS B 124 18.76 11.23 -11.74
CA HIS B 124 19.69 12.35 -11.89
C HIS B 124 19.43 13.45 -10.88
N GLN B 125 18.15 13.70 -10.49
CA GLN B 125 17.81 14.71 -9.47
C GLN B 125 18.38 14.29 -8.10
N PHE B 126 18.38 12.98 -7.80
CA PHE B 126 18.94 12.47 -6.56
C PHE B 126 20.47 12.56 -6.56
N ALA B 127 21.11 12.39 -7.73
CA ALA B 127 22.57 12.53 -7.84
C ALA B 127 22.96 14.01 -7.72
N TYR B 128 22.20 14.89 -8.39
CA TYR B 128 22.39 16.34 -8.40
C TYR B 128 22.32 16.96 -7.01
N VAL B 129 21.39 16.50 -6.18
CA VAL B 129 21.21 17.04 -4.84
C VAL B 129 22.40 16.72 -3.90
N THR B 130 23.25 15.74 -4.25
CA THR B 130 24.45 15.44 -3.46
C THR B 130 25.66 16.31 -3.88
N ASP B 131 25.52 17.19 -4.89
CA ASP B 131 26.54 18.08 -5.42
C ASP B 131 27.77 17.37 -6.02
N GLY B 132 27.56 16.20 -6.61
CA GLY B 132 28.64 15.45 -7.21
C GLY B 132 29.27 14.38 -6.33
N ALA B 133 28.91 14.33 -5.04
CA ALA B 133 29.49 13.35 -4.13
C ALA B 133 29.02 11.91 -4.40
N CYS B 134 27.85 11.75 -5.00
CA CYS B 134 27.31 10.45 -5.33
C CYS B 134 26.83 10.47 -6.78
N SER B 135 27.31 9.52 -7.58
CA SER B 135 26.89 9.37 -8.97
C SER B 135 25.61 8.51 -9.03
N GLY B 136 24.91 8.55 -10.16
CA GLY B 136 23.71 7.74 -10.34
C GLY B 136 23.97 6.25 -10.22
N ASP B 137 25.18 5.82 -10.67
CA ASP B 137 25.59 4.42 -10.64
C ASP B 137 25.94 3.95 -9.23
N GLU B 138 26.43 4.86 -8.39
CA GLU B 138 26.74 4.57 -6.99
C GLU B 138 25.43 4.37 -6.22
N ILE B 139 24.42 5.22 -6.49
CA ILE B 139 23.09 5.13 -5.90
C ILE B 139 22.41 3.84 -6.33
N LEU B 140 22.59 3.43 -7.59
CA LEU B 140 22.03 2.18 -8.12
C LEU B 140 22.69 0.97 -7.45
N THR B 141 24.01 1.03 -7.24
CA THR B 141 24.73 -0.04 -6.55
C THR B 141 24.29 -0.07 -5.07
N MET B 142 24.14 1.10 -4.45
CA MET B 142 23.77 1.18 -3.04
C MET B 142 22.34 0.74 -2.75
N GLU B 143 21.36 1.12 -3.59
CA GLU B 143 19.95 0.70 -3.38
C GLU B 143 19.80 -0.82 -3.39
N LEU B 144 20.59 -1.53 -4.20
CA LEU B 144 20.55 -2.99 -4.23
C LEU B 144 21.21 -3.58 -2.97
N MET B 145 22.30 -2.96 -2.47
CA MET B 145 22.96 -3.41 -1.23
C MET B 145 21.99 -3.22 -0.06
N ILE B 146 21.31 -2.04 -0.01
CA ILE B 146 20.31 -1.72 1.01
C ILE B 146 19.16 -2.70 0.97
N MET B 147 18.51 -2.85 -0.20
CA MET B 147 17.37 -3.75 -0.34
C MET B 147 17.70 -5.21 -0.07
N LYS B 148 18.90 -5.67 -0.44
CA LYS B 148 19.28 -7.07 -0.17
C LYS B 148 19.60 -7.26 1.33
N ALA B 149 20.18 -6.24 1.98
CA ALA B 149 20.49 -6.34 3.41
C ALA B 149 19.23 -6.26 4.26
N LEU B 150 18.22 -5.45 3.83
CA LEU B 150 16.95 -5.41 4.56
C LEU B 150 16.05 -6.61 4.22
N LYS B 151 16.54 -7.57 3.42
CA LYS B 151 15.82 -8.76 2.96
C LYS B 151 14.49 -8.35 2.25
N TRP B 152 14.52 -7.19 1.56
CA TRP B 152 13.38 -6.60 0.85
C TRP B 152 12.19 -6.27 1.76
N ARG B 153 12.43 -6.11 3.08
CA ARG B 153 11.38 -5.72 4.01
C ARG B 153 11.36 -4.23 3.99
N LEU B 154 10.61 -3.68 3.03
CA LEU B 154 10.58 -2.25 2.82
C LEU B 154 9.23 -1.63 3.07
N SER B 155 8.33 -2.31 3.79
CA SER B 155 7.00 -1.78 4.07
C SER B 155 6.71 -1.59 5.57
N PRO B 156 7.47 -0.73 6.29
CA PRO B 156 7.17 -0.55 7.72
C PRO B 156 6.05 0.44 7.98
N LEU B 157 5.53 0.39 9.20
CA LEU B 157 4.58 1.38 9.67
C LEU B 157 5.46 2.42 10.30
N THR B 158 5.70 3.53 9.58
CA THR B 158 6.57 4.62 10.00
C THR B 158 5.98 5.42 11.17
N ILE B 159 6.77 6.33 11.75
CA ILE B 159 6.37 7.20 12.83
C ILE B 159 5.23 8.12 12.37
N VAL B 160 5.39 8.77 11.19
CA VAL B 160 4.36 9.66 10.67
C VAL B 160 3.08 8.91 10.26
N SER B 161 3.19 7.62 9.88
CA SER B 161 2.00 6.86 9.53
C SER B 161 1.11 6.68 10.76
N TRP B 162 1.72 6.48 11.97
CA TRP B 162 0.92 6.35 13.18
C TRP B 162 0.22 7.65 13.49
N LEU B 163 0.89 8.78 13.31
CA LEU B 163 0.28 10.09 13.53
C LEU B 163 -0.97 10.30 12.64
N ASN B 164 -0.93 9.80 11.41
CA ASN B 164 -2.06 9.92 10.49
C ASN B 164 -3.26 9.15 11.04
N VAL B 165 -3.03 7.90 11.48
CA VAL B 165 -4.07 7.07 12.09
C VAL B 165 -4.71 7.76 13.29
N TYR B 166 -3.88 8.30 14.19
CA TYR B 166 -4.35 8.94 15.41
C TYR B 166 -5.13 10.23 15.13
N MET B 167 -4.71 11.00 14.11
CA MET B 167 -5.38 12.26 13.79
C MET B 167 -6.78 12.05 13.24
N GLN B 168 -7.02 10.93 12.56
CA GLN B 168 -8.34 10.61 12.03
C GLN B 168 -9.29 10.24 13.16
N VAL B 169 -8.87 9.29 14.03
CA VAL B 169 -9.71 8.87 15.15
C VAL B 169 -10.07 10.04 16.08
N ALA B 170 -9.18 11.05 16.18
CA ALA B 170 -9.44 12.24 16.99
C ALA B 170 -10.65 13.03 16.45
N TYR B 171 -10.79 13.07 15.13
CA TYR B 171 -11.85 13.80 14.44
C TYR B 171 -12.91 12.90 13.82
N LEU B 172 -13.62 12.18 14.69
CA LEU B 172 -14.74 11.29 14.38
C LEU B 172 -15.92 11.76 15.23
N GLU B 177 -16.36 6.94 9.54
CA GLU B 177 -15.45 6.60 8.44
C GLU B 177 -14.01 6.95 8.79
N VAL B 178 -13.12 5.94 8.80
CA VAL B 178 -11.72 6.19 9.12
C VAL B 178 -10.81 6.24 7.88
N LEU B 179 -11.34 6.02 6.66
CA LEU B 179 -10.49 6.01 5.47
C LEU B 179 -10.48 7.34 4.69
N LEU B 180 -11.43 8.24 4.96
CA LEU B 180 -11.45 9.54 4.30
C LEU B 180 -10.76 10.54 5.23
N PRO B 181 -9.74 11.28 4.77
CA PRO B 181 -9.04 12.20 5.69
C PRO B 181 -9.85 13.42 6.12
N GLN B 182 -10.30 13.42 7.37
CA GLN B 182 -11.10 14.50 7.91
C GLN B 182 -10.50 14.92 9.25
N TYR B 183 -9.59 15.93 9.23
CA TYR B 183 -8.93 16.49 10.43
C TYR B 183 -8.19 17.82 10.10
N PRO B 184 -7.91 18.70 11.10
CA PRO B 184 -7.21 19.96 10.81
C PRO B 184 -5.72 19.78 10.50
N GLN B 185 -5.33 20.38 9.40
CA GLN B 185 -3.99 20.31 8.84
C GLN B 185 -2.93 20.95 9.70
N GLN B 186 -3.22 22.13 10.26
CA GLN B 186 -2.26 22.87 11.08
C GLN B 186 -1.86 22.16 12.34
N ILE B 187 -2.75 21.42 12.97
CA ILE B 187 -2.44 20.67 14.19
C ILE B 187 -1.51 19.47 13.89
N PHE B 188 -1.75 18.83 12.73
CA PHE B 188 -0.93 17.70 12.24
C PHE B 188 0.53 18.16 12.10
N ILE B 189 0.75 19.34 11.50
CA ILE B 189 2.07 19.94 11.23
C ILE B 189 2.84 20.19 12.52
N GLN B 190 2.13 20.66 13.55
CA GLN B 190 2.74 20.97 14.82
C GLN B 190 3.17 19.71 15.52
N ILE B 191 2.39 18.61 15.43
CA ILE B 191 2.81 17.33 16.04
C ILE B 191 3.95 16.70 15.23
N ALA B 192 3.87 16.78 13.89
CA ALA B 192 4.90 16.23 12.99
C ALA B 192 6.27 16.88 13.28
N GLU B 193 6.26 18.20 13.51
CA GLU B 193 7.43 19.02 13.83
C GLU B 193 8.14 18.48 15.08
N LEU B 194 7.39 18.02 16.08
CA LEU B 194 7.98 17.47 17.31
C LEU B 194 8.59 16.10 17.04
N LEU B 195 7.90 15.27 16.24
CA LEU B 195 8.43 13.96 15.88
C LEU B 195 9.72 14.09 15.06
N ASP B 196 9.80 15.12 14.20
CA ASP B 196 10.98 15.35 13.40
C ASP B 196 12.21 15.62 14.25
N LEU B 197 12.04 16.28 15.43
CA LEU B 197 13.14 16.57 16.34
C LEU B 197 13.55 15.27 17.02
N CYS B 198 12.59 14.49 17.53
CA CYS B 198 12.88 13.27 18.25
C CYS B 198 13.51 12.19 17.42
N VAL B 199 13.18 12.15 16.12
CA VAL B 199 13.78 11.13 15.26
C VAL B 199 15.28 11.41 15.07
N LEU B 200 15.71 12.69 15.15
CA LEU B 200 17.12 13.12 15.07
C LEU B 200 17.99 12.56 16.22
N ASP B 201 17.38 11.94 17.26
CA ASP B 201 18.11 11.35 18.36
C ASP B 201 17.95 9.85 18.28
N VAL B 202 19.05 9.10 18.29
CA VAL B 202 19.07 7.64 18.17
C VAL B 202 18.36 6.91 19.30
N ASP B 203 18.18 7.58 20.46
CA ASP B 203 17.50 6.91 21.58
C ASP B 203 16.00 6.72 21.29
N CYS B 204 15.44 7.39 20.25
CA CYS B 204 14.04 7.19 19.86
C CYS B 204 13.78 5.74 19.49
N LEU B 205 14.79 5.08 18.89
CA LEU B 205 14.68 3.69 18.45
C LEU B 205 14.43 2.70 19.58
N GLU B 206 14.55 3.11 20.85
CA GLU B 206 14.23 2.22 21.96
C GLU B 206 12.71 2.04 22.11
N PHE B 207 11.93 3.05 21.69
CA PHE B 207 10.48 3.06 21.76
C PHE B 207 9.83 2.67 20.44
N PRO B 208 8.80 1.81 20.48
CA PRO B 208 8.07 1.47 19.24
C PRO B 208 7.56 2.71 18.51
N TYR B 209 7.47 2.64 17.18
CA TYR B 209 7.05 3.79 16.37
C TYR B 209 5.66 4.36 16.79
N GLY B 210 4.71 3.48 17.07
CA GLY B 210 3.37 3.83 17.54
C GLY B 210 3.39 4.53 18.89
N ILE B 211 4.32 4.10 19.78
CA ILE B 211 4.50 4.71 21.11
C ILE B 211 5.05 6.13 20.93
N LEU B 212 6.06 6.32 20.07
CA LEU B 212 6.62 7.67 19.80
C LEU B 212 5.57 8.67 19.27
N ALA B 213 4.71 8.22 18.33
CA ALA B 213 3.69 9.12 17.75
C ALA B 213 2.62 9.46 18.79
N ALA B 214 2.19 8.47 19.57
CA ALA B 214 1.20 8.67 20.62
C ALA B 214 1.72 9.60 21.70
N SER B 215 3.02 9.47 22.03
CA SER B 215 3.65 10.33 23.05
C SER B 215 3.78 11.76 22.55
N ALA B 216 4.06 11.96 21.26
CA ALA B 216 4.14 13.32 20.71
C ALA B 216 2.75 13.96 20.69
N LEU B 217 1.73 13.17 20.33
CA LEU B 217 0.33 13.57 20.30
C LEU B 217 -0.09 13.98 21.72
N TYR B 218 0.28 13.16 22.73
CA TYR B 218 0.03 13.43 24.15
C TYR B 218 0.54 14.83 24.54
N HIS B 219 1.77 15.19 24.14
CA HIS B 219 2.34 16.51 24.43
C HIS B 219 1.56 17.67 23.84
N PHE B 220 0.77 17.42 22.79
CA PHE B 220 -0.07 18.44 22.20
C PHE B 220 -1.57 18.29 22.62
N SER B 221 -1.90 17.33 23.50
CA SER B 221 -3.25 17.12 23.96
C SER B 221 -3.32 16.58 25.40
N SER B 222 -3.64 15.29 25.61
CA SER B 222 -3.79 14.69 26.92
C SER B 222 -3.81 13.14 26.81
N SER B 223 -3.79 12.42 27.95
CA SER B 223 -3.86 10.97 27.98
C SER B 223 -5.22 10.48 27.50
N GLU B 224 -6.30 11.26 27.76
CA GLU B 224 -7.66 10.90 27.35
C GLU B 224 -7.74 10.90 25.85
N LEU B 225 -7.24 11.96 25.19
CA LEU B 225 -7.23 11.98 23.73
C LEU B 225 -6.31 10.91 23.19
N MET B 226 -5.13 10.77 23.80
CA MET B 226 -4.13 9.76 23.45
C MET B 226 -4.75 8.37 23.43
N GLN B 227 -5.28 7.89 24.56
CA GLN B 227 -5.90 6.59 24.73
C GLN B 227 -7.07 6.37 23.78
N LYS B 228 -7.86 7.42 23.54
CA LYS B 228 -9.01 7.35 22.64
C LYS B 228 -8.59 7.14 21.19
N VAL B 229 -7.52 7.80 20.74
CA VAL B 229 -7.09 7.71 19.34
C VAL B 229 -6.04 6.63 19.09
N SER B 230 -5.34 6.19 20.13
CA SER B 230 -4.25 5.25 19.98
C SER B 230 -4.46 3.91 20.64
N GLY B 231 -5.27 3.85 21.69
CA GLY B 231 -5.54 2.59 22.37
C GLY B 231 -4.56 2.24 23.47
N TYR B 232 -3.40 2.91 23.52
CA TYR B 232 -2.43 2.63 24.57
C TYR B 232 -2.88 3.25 25.88
N GLN B 233 -2.48 2.63 27.00
CA GLN B 233 -2.74 3.19 28.33
C GLN B 233 -1.60 4.19 28.62
N TRP B 234 -1.71 4.99 29.69
CA TRP B 234 -0.64 5.94 30.00
C TRP B 234 0.64 5.28 30.52
N CYS B 235 0.55 4.05 31.05
CA CYS B 235 1.74 3.37 31.54
C CYS B 235 2.61 2.86 30.35
N ASP B 236 1.95 2.48 29.24
CA ASP B 236 2.61 2.08 27.99
C ASP B 236 3.46 3.22 27.42
N ILE B 237 2.99 4.46 27.59
CA ILE B 237 3.53 5.69 27.02
C ILE B 237 4.43 6.51 27.95
N GLU B 238 4.23 6.36 29.26
CA GLU B 238 4.89 7.08 30.35
C GLU B 238 6.42 7.27 30.17
N ASN B 239 7.15 6.18 29.87
CA ASN B 239 8.60 6.22 29.67
C ASN B 239 8.99 7.08 28.46
N CYS B 240 8.32 6.87 27.30
CA CYS B 240 8.59 7.69 26.11
C CYS B 240 8.22 9.17 26.36
N VAL B 241 7.12 9.42 27.10
CA VAL B 241 6.70 10.80 27.42
C VAL B 241 7.80 11.55 28.16
N LYS B 242 8.39 10.91 29.18
CA LYS B 242 9.47 11.52 29.97
C LYS B 242 10.74 11.76 29.16
N TRP B 243 11.05 10.82 28.25
CA TRP B 243 12.21 10.94 27.35
C TRP B 243 12.00 12.10 26.37
N MET B 244 10.78 12.25 25.85
CA MET B 244 10.43 13.29 24.88
C MET B 244 10.29 14.69 25.48
N VAL B 245 10.11 14.79 26.82
CA VAL B 245 9.96 16.05 27.57
C VAL B 245 10.88 17.20 27.05
N PRO B 246 12.23 17.06 27.01
CA PRO B 246 13.06 18.20 26.57
C PRO B 246 12.77 18.67 25.16
N PHE B 247 12.53 17.72 24.21
CA PHE B 247 12.24 18.06 22.83
C PHE B 247 10.96 18.87 22.75
N ALA B 248 9.94 18.45 23.50
CA ALA B 248 8.67 19.17 23.53
C ALA B 248 8.79 20.62 24.02
N MET B 249 9.62 20.87 25.06
CA MET B 249 9.75 22.24 25.56
C MET B 249 10.46 23.18 24.64
N VAL B 250 11.47 22.70 23.90
CA VAL B 250 12.18 23.56 22.96
C VAL B 250 11.25 24.05 21.83
N ILE B 251 10.30 23.20 21.41
CA ILE B 251 9.32 23.57 20.39
C ILE B 251 8.36 24.62 20.97
N ARG B 252 7.88 24.39 22.20
CA ARG B 252 6.95 25.29 22.87
C ARG B 252 7.56 26.65 23.10
N GLU B 253 8.84 26.68 23.50
CA GLU B 253 9.59 27.91 23.72
C GLU B 253 9.66 28.77 22.47
N THR B 254 9.79 28.13 21.29
CA THR B 254 9.93 28.82 20.00
C THR B 254 8.61 29.14 19.28
N GLY B 255 7.53 28.44 19.64
CA GLY B 255 6.24 28.64 19.02
C GLY B 255 6.12 27.81 17.76
N SER B 256 5.09 26.96 17.67
CA SER B 256 4.93 26.05 16.53
C SER B 256 4.67 26.75 15.18
N SER B 257 5.02 26.05 14.08
CA SER B 257 4.92 26.52 12.72
C SER B 257 3.48 26.62 12.18
N LYS B 258 3.34 27.29 11.03
CA LYS B 258 2.08 27.41 10.32
C LYS B 258 2.15 26.51 9.07
N LEU B 259 0.99 25.95 8.68
CA LEU B 259 0.85 25.10 7.51
C LEU B 259 1.26 25.88 6.26
N LYS B 260 2.23 25.36 5.49
CA LYS B 260 2.70 26.01 4.28
C LYS B 260 1.84 25.66 3.05
N HIS B 261 1.97 26.46 1.99
CA HIS B 261 1.33 26.19 0.70
C HIS B 261 2.47 25.80 -0.25
N PHE B 262 2.23 24.79 -1.10
CA PHE B 262 3.25 24.35 -2.06
C PHE B 262 2.62 24.35 -3.43
N ARG B 263 3.25 25.02 -4.41
CA ARG B 263 2.73 25.09 -5.78
C ARG B 263 2.65 23.67 -6.39
N GLY B 264 1.54 23.39 -7.06
CA GLY B 264 1.35 22.08 -7.68
C GLY B 264 0.94 20.97 -6.72
N VAL B 265 0.81 21.30 -5.43
CA VAL B 265 0.35 20.40 -4.38
C VAL B 265 -1.04 20.89 -3.97
N ALA B 266 -2.07 20.01 -4.06
CA ALA B 266 -3.44 20.37 -3.69
C ALA B 266 -3.53 20.80 -2.21
N ASP B 267 -4.49 21.67 -1.89
CA ASP B 267 -4.62 22.19 -0.53
C ASP B 267 -4.85 21.12 0.52
N GLU B 268 -5.74 20.15 0.22
CA GLU B 268 -6.06 19.04 1.12
C GLU B 268 -4.90 18.06 1.36
N ASP B 269 -3.81 18.18 0.59
CA ASP B 269 -2.62 17.34 0.75
C ASP B 269 -1.40 18.10 1.32
N ALA B 270 -1.50 19.43 1.47
CA ALA B 270 -0.42 20.32 1.95
C ALA B 270 0.22 19.90 3.27
N HIS B 271 -0.56 19.30 4.19
CA HIS B 271 -0.05 18.87 5.49
C HIS B 271 0.87 17.64 5.43
N ASN B 272 0.82 16.89 4.31
CA ASN B 272 1.61 15.69 4.07
C ASN B 272 2.97 15.95 3.40
N ILE B 273 3.30 17.22 3.09
CA ILE B 273 4.57 17.53 2.44
C ILE B 273 5.62 17.73 3.52
N GLN B 274 6.78 17.11 3.40
CA GLN B 274 7.85 17.25 4.38
C GLN B 274 8.43 18.67 4.36
N THR B 275 8.63 19.26 5.55
CA THR B 275 9.22 20.58 5.72
C THR B 275 10.54 20.47 6.50
N HIS B 276 11.33 21.54 6.53
CA HIS B 276 12.59 21.55 7.25
C HIS B 276 12.79 22.88 7.99
N ARG B 277 13.45 22.83 9.15
CA ARG B 277 13.78 24.02 9.93
C ARG B 277 15.07 23.79 10.78
N ASP B 278 15.43 24.74 11.67
CA ASP B 278 16.63 24.72 12.52
C ASP B 278 16.66 23.62 13.60
N SER B 279 16.09 22.46 13.32
CA SER B 279 16.02 21.35 14.27
C SER B 279 17.38 20.94 14.83
N LEU B 280 18.49 21.26 14.13
CA LEU B 280 19.82 20.92 14.62
C LEU B 280 20.16 21.73 15.87
N ASP B 281 19.87 23.04 15.84
CA ASP B 281 20.05 23.95 16.96
C ASP B 281 19.18 23.48 18.14
N LEU B 282 17.89 23.20 17.86
CA LEU B 282 16.91 22.74 18.85
C LEU B 282 17.33 21.44 19.53
N LEU B 283 18.01 20.56 18.78
CA LEU B 283 18.47 19.27 19.28
C LEU B 283 19.59 19.40 20.32
N ASP B 284 20.36 20.51 20.26
CA ASP B 284 21.45 20.73 21.21
C ASP B 284 20.92 20.85 22.65
N LYS B 285 19.75 21.49 22.81
CA LYS B 285 19.08 21.61 24.10
C LYS B 285 18.23 20.34 24.34
C4 WG1 C . 2.52 -18.09 -11.99
C3 WG1 C . 2.60 -16.76 -12.39
C2 WG1 C . 2.07 -16.45 -13.63
C1 WG1 C . 1.52 -18.70 -13.97
C7 WG1 C . 3.20 -15.74 -11.55
C6 WG1 C . 3.25 -14.48 -11.97
C5 WG1 C . 2.72 -14.07 -13.30
C16 WG1 C . 1.24 -13.23 -17.15
C15 WG1 C . 2.25 -14.11 -16.42
C17 WG1 C . 0.33 -12.71 -16.04
C10 WG1 C . -0.94 -18.79 -15.86
C13 WG1 C . 0.53 -20.55 -17.02
C11 WG1 C . -1.51 -18.37 -17.22
C12 WG1 C . -0.13 -20.22 -18.37
C8 WG1 C . 1.41 -14.75 -15.30
C9 WG1 C . 0.47 -19.35 -16.04
C18 WG1 C . 0.06 -13.96 -15.17
C19 WG1 C . -0.37 -13.53 -13.77
C14 WG1 C . -2.33 -18.53 -20.48
C20 WG1 C . 3.87 -13.39 -11.16
N1 WG1 C . 1.99 -19.05 -12.76
N2 WG1 C . 1.55 -17.43 -14.42
N3 WG1 C . 2.13 -15.08 -14.09
N5 WG1 C . -1.45 -19.54 -18.16
N4 WG1 C . 0.97 -19.76 -14.73
O1 WG1 C . 2.81 -12.89 -13.63
O2 WG1 C . -3.97 -19.54 -18.66
O3 WG1 C . -2.44 -21.11 -19.85
O4 WG1 C . -1.06 -14.71 -15.66
F1 WG1 C . 4.96 -12.89 -11.80
F2 WG1 C . 3.02 -12.33 -10.94
S1 WG1 C . -2.69 -19.79 -19.29
#